data_3DB5
#
_entry.id   3DB5
#
_cell.length_a   107.294
_cell.length_b   107.294
_cell.length_c   133.642
_cell.angle_alpha   90.000
_cell.angle_beta   90.000
_cell.angle_gamma   90.000
#
_symmetry.space_group_name_H-M   'I 4 2 2'
#
loop_
_entity.id
_entity.type
_entity.pdbx_description
1 polymer 'PR domain zinc finger protein 4'
2 water water
#
_entity_poly.entity_id   1
_entity_poly.type   'polypeptide(L)'
_entity_poly.pdbx_seq_one_letter_code
;EHGPVTFVPDTPIESRARLSLPKQLVLRQSIVGAEVGVWTGETIPVRTCFGPLIGQQSHS(MSE)EVAEWTDKAVNHIWK
IYHNGVLEFCIITTDENECNW(MSE)(MSE)FVRKARNREEQNLVAYPHDGKIFFCTSQDIPPENELLFYYSRDYAQQIG
VPE
;
_entity_poly.pdbx_strand_id   A,B
#
# COMPACT_ATOMS: atom_id res chain seq x y z
N PRO A 4 -2.13 -18.00 -58.97
CA PRO A 4 -1.26 -17.02 -58.30
C PRO A 4 -1.15 -17.27 -56.78
N VAL A 5 -0.05 -16.82 -56.19
CA VAL A 5 0.22 -17.12 -54.81
C VAL A 5 -0.32 -15.98 -53.98
N THR A 6 -0.76 -16.28 -52.77
CA THR A 6 -1.28 -15.24 -51.90
C THR A 6 -0.25 -15.01 -50.75
N PHE A 7 -0.01 -13.77 -50.29
CA PHE A 7 1.03 -13.57 -49.29
C PHE A 7 0.41 -13.29 -47.91
N VAL A 8 0.92 -13.96 -46.89
CA VAL A 8 0.56 -13.69 -45.48
C VAL A 8 1.73 -12.96 -44.78
N PRO A 9 1.49 -11.69 -44.35
CA PRO A 9 2.57 -10.96 -43.71
C PRO A 9 2.86 -11.33 -42.24
N ASP A 10 4.04 -10.97 -41.73
CA ASP A 10 4.30 -11.14 -40.35
C ASP A 10 3.30 -10.21 -39.59
N THR A 11 3.02 -10.54 -38.32
CA THR A 11 2.35 -9.60 -37.37
C THR A 11 3.27 -8.41 -37.13
N PRO A 12 2.78 -7.17 -37.43
CA PRO A 12 3.65 -6.01 -37.21
C PRO A 12 4.17 -5.96 -35.75
N ILE A 13 5.39 -5.48 -35.58
CA ILE A 13 5.98 -5.31 -34.27
C ILE A 13 5.72 -3.89 -33.75
N GLU A 14 5.04 -3.80 -32.63
CA GLU A 14 4.79 -2.55 -31.92
C GLU A 14 6.04 -1.96 -31.24
N SER A 15 6.02 -0.67 -30.97
CA SER A 15 7.14 -0.02 -30.28
C SER A 15 7.31 -0.63 -28.87
N ARG A 16 8.53 -0.57 -28.36
CA ARG A 16 8.85 -1.01 -26.99
C ARG A 16 7.91 -0.33 -25.96
N ALA A 17 7.62 0.97 -26.11
CA ALA A 17 6.81 1.69 -25.10
C ALA A 17 5.46 1.04 -25.00
N ARG A 18 4.89 0.74 -26.16
CA ARG A 18 3.58 0.10 -26.22
C ARG A 18 3.57 -1.32 -25.74
N LEU A 19 4.61 -2.08 -26.09
CA LEU A 19 4.67 -3.51 -25.69
C LEU A 19 4.82 -3.63 -24.16
N SER A 20 5.50 -2.66 -23.55
CA SER A 20 5.75 -2.70 -22.12
C SER A 20 4.52 -2.39 -21.27
N LEU A 21 3.46 -1.86 -21.85
CA LEU A 21 2.25 -1.54 -21.11
C LEU A 21 1.68 -2.70 -20.24
N PRO A 22 1.55 -2.49 -18.88
CA PRO A 22 0.83 -3.43 -18.01
C PRO A 22 -0.57 -3.78 -18.54
N LYS A 23 -0.98 -5.05 -18.53
CA LYS A 23 -2.24 -5.45 -19.11
C LYS A 23 -3.45 -4.76 -18.44
N GLN A 24 -3.29 -4.28 -17.20
CA GLN A 24 -4.42 -3.60 -16.52
C GLN A 24 -4.68 -2.17 -16.96
N LEU A 25 -3.86 -1.69 -17.85
CA LEU A 25 -3.95 -0.35 -18.35
C LEU A 25 -4.19 -0.37 -19.87
N VAL A 26 -4.75 0.76 -20.36
CA VAL A 26 -4.92 0.95 -21.81
C VAL A 26 -4.50 2.38 -22.29
N LEU A 27 -4.17 2.45 -23.58
CA LEU A 27 -3.83 3.70 -24.23
C LEU A 27 -4.98 4.25 -24.99
N ARG A 28 -5.29 5.51 -24.71
CA ARG A 28 -6.36 6.22 -25.42
C ARG A 28 -6.07 7.70 -25.29
N GLN A 29 -6.75 8.48 -26.11
CA GLN A 29 -6.54 9.94 -26.10
C GLN A 29 -6.61 10.56 -24.68
N SER A 30 -5.59 11.32 -24.31
CA SER A 30 -5.56 12.13 -23.09
C SER A 30 -6.57 13.32 -23.11
N ILE A 31 -7.01 13.71 -21.93
CA ILE A 31 -7.58 15.04 -21.68
C ILE A 31 -6.58 16.21 -21.85
N GLU A 35 -0.57 13.41 -27.37
CA GLU A 35 -1.96 13.35 -26.91
C GLU A 35 -2.51 11.95 -26.57
N VAL A 36 -1.75 10.87 -26.81
CA VAL A 36 -2.13 9.55 -26.21
C VAL A 36 -1.92 9.62 -24.67
N GLY A 37 -2.85 9.05 -23.92
CA GLY A 37 -2.70 8.96 -22.46
C GLY A 37 -2.88 7.51 -22.00
N VAL A 38 -2.62 7.25 -20.72
CA VAL A 38 -2.76 5.97 -20.10
C VAL A 38 -4.00 5.91 -19.23
N TRP A 39 -4.89 4.99 -19.56
CA TRP A 39 -6.11 4.80 -18.78
C TRP A 39 -6.14 3.44 -18.10
N THR A 40 -6.94 3.35 -17.04
CA THR A 40 -7.17 2.10 -16.32
C THR A 40 -8.23 1.25 -17.01
N GLY A 41 -7.90 -0.04 -17.18
CA GLY A 41 -8.88 -1.03 -17.60
C GLY A 41 -9.64 -1.73 -16.46
N GLU A 42 -9.25 -1.46 -15.21
CA GLU A 42 -9.80 -2.09 -14.01
C GLU A 42 -9.40 -1.24 -12.79
N THR A 43 -9.89 -1.54 -11.59
CA THR A 43 -9.47 -0.75 -10.43
C THR A 43 -8.00 -0.93 -10.12
N ILE A 44 -7.34 0.20 -9.90
CA ILE A 44 -5.95 0.25 -9.44
C ILE A 44 -5.98 0.69 -8.01
N PRO A 45 -5.63 -0.19 -7.06
CA PRO A 45 -5.62 0.20 -5.62
C PRO A 45 -4.62 1.30 -5.31
N VAL A 46 -4.97 2.13 -4.33
CA VAL A 46 -3.99 2.98 -3.67
C VAL A 46 -2.72 2.15 -3.40
N ARG A 47 -1.57 2.84 -3.31
CA ARG A 47 -0.27 2.26 -3.06
C ARG A 47 0.11 1.13 -4.04
N THR A 48 -0.28 1.32 -5.29
CA THR A 48 0.28 0.54 -6.40
C THR A 48 1.43 1.30 -7.09
N CYS A 49 2.59 0.65 -7.20
CA CYS A 49 3.76 1.39 -7.73
C CYS A 49 4.20 0.91 -9.13
N PHE A 50 4.49 1.84 -10.05
CA PHE A 50 4.90 1.47 -11.42
C PHE A 50 6.36 1.98 -11.61
N GLY A 51 7.17 1.26 -12.38
CA GLY A 51 8.55 1.67 -12.64
C GLY A 51 9.57 0.57 -12.59
N PRO A 52 10.86 0.91 -12.83
CA PRO A 52 11.25 2.31 -13.02
C PRO A 52 10.95 2.82 -14.47
N LEU A 53 10.83 4.15 -14.59
CA LEU A 53 10.83 4.80 -15.89
C LEU A 53 12.03 4.36 -16.72
N ILE A 54 11.79 4.06 -18.01
CA ILE A 54 12.86 3.87 -19.01
C ILE A 54 12.76 5.00 -20.06
N GLY A 55 13.84 5.71 -20.32
CA GLY A 55 13.84 6.68 -21.40
C GLY A 55 15.25 6.86 -21.95
N GLN A 56 15.44 7.83 -22.84
CA GLN A 56 16.77 8.22 -23.36
C GLN A 56 17.54 9.04 -22.32
N GLN A 57 18.65 8.47 -21.84
CA GLN A 57 19.51 9.14 -20.88
C GLN A 57 20.50 10.09 -21.55
N SER A 58 20.59 11.31 -21.02
CA SER A 58 21.58 12.25 -21.54
C SER A 58 22.24 12.96 -20.35
N HIS A 59 23.56 12.80 -20.20
CA HIS A 59 24.30 13.47 -19.11
C HIS A 59 24.63 14.94 -19.45
N VAL A 71 11.37 18.54 -24.35
CA VAL A 71 10.69 19.57 -23.54
C VAL A 71 9.24 19.19 -23.27
N ASN A 72 8.88 19.28 -21.97
CA ASN A 72 7.71 18.64 -21.31
C ASN A 72 7.93 17.15 -21.06
N HIS A 73 8.97 16.58 -21.65
CA HIS A 73 9.23 15.14 -21.59
C HIS A 73 10.68 14.90 -21.10
N ILE A 74 10.99 15.46 -19.93
CA ILE A 74 12.36 15.44 -19.35
C ILE A 74 12.29 15.25 -17.85
N TRP A 75 12.97 14.21 -17.37
CA TRP A 75 13.07 13.94 -15.94
C TRP A 75 14.52 14.19 -15.54
N LYS A 76 14.71 14.83 -14.41
CA LYS A 76 16.04 15.20 -13.94
C LYS A 76 16.43 14.23 -12.83
N ILE A 77 17.59 13.61 -12.95
CA ILE A 77 18.06 12.71 -11.91
C ILE A 77 19.24 13.37 -11.22
N TYR A 78 19.06 13.67 -9.94
CA TYR A 78 20.11 14.18 -9.05
C TYR A 78 20.74 13.05 -8.23
N HIS A 79 22.04 13.19 -7.97
CA HIS A 79 22.72 12.24 -7.11
C HIS A 79 23.79 13.01 -6.34
N ASN A 80 23.76 12.84 -5.03
CA ASN A 80 24.61 13.61 -4.10
C ASN A 80 24.70 15.09 -4.44
N GLY A 81 23.56 15.65 -4.87
CA GLY A 81 23.40 17.12 -5.04
C GLY A 81 23.83 17.71 -6.37
N VAL A 82 24.03 16.86 -7.36
CA VAL A 82 24.43 17.24 -8.71
C VAL A 82 23.42 16.61 -9.69
N LEU A 83 23.06 17.36 -10.71
CA LEU A 83 22.20 16.83 -11.75
C LEU A 83 23.11 15.93 -12.55
N GLU A 84 22.87 14.63 -12.44
CA GLU A 84 23.71 13.66 -13.10
C GLU A 84 23.31 13.47 -14.55
N PHE A 85 22.00 13.42 -14.80
CA PHE A 85 21.49 13.21 -16.16
C PHE A 85 19.95 13.49 -16.22
N CYS A 86 19.49 13.70 -17.45
CA CYS A 86 18.08 13.83 -17.80
C CYS A 86 17.60 12.56 -18.52
N ILE A 87 16.33 12.19 -18.27
CA ILE A 87 15.67 11.11 -19.03
C ILE A 87 14.69 11.84 -19.89
N ILE A 88 14.75 11.58 -21.18
CA ILE A 88 13.82 12.23 -22.04
C ILE A 88 12.87 11.16 -22.63
N THR A 89 11.57 11.49 -22.64
CA THR A 89 10.55 10.45 -22.86
C THR A 89 9.64 10.73 -24.07
N THR A 90 10.29 10.75 -25.21
CA THR A 90 9.72 11.21 -26.46
C THR A 90 9.65 10.10 -27.52
N ASP A 91 10.58 9.17 -27.43
CA ASP A 91 10.77 8.16 -28.45
C ASP A 91 10.23 6.84 -27.96
N GLU A 92 9.17 6.38 -28.61
CA GLU A 92 8.56 5.12 -28.28
C GLU A 92 9.49 3.92 -28.37
N ASN A 93 10.62 4.05 -29.06
CA ASN A 93 11.57 2.93 -29.18
C ASN A 93 12.62 2.92 -28.07
N GLU A 94 12.69 4.04 -27.37
CA GLU A 94 13.67 4.21 -26.34
C GLU A 94 13.09 4.21 -24.94
N CYS A 95 11.76 4.14 -24.81
CA CYS A 95 11.09 4.29 -23.52
C CYS A 95 10.15 3.12 -23.23
N ASN A 96 9.79 2.98 -21.96
CA ASN A 96 8.65 2.14 -21.59
C ASN A 96 7.37 3.02 -21.61
N TRP A 97 6.21 2.39 -21.35
CA TRP A 97 4.89 2.95 -21.40
C TRP A 97 4.67 4.21 -20.54
N MSE A 98 5.48 4.37 -19.51
CA MSE A 98 5.33 5.49 -18.64
C MSE A 98 5.57 6.80 -19.36
O MSE A 98 5.22 7.81 -18.84
CB MSE A 98 6.23 5.35 -17.42
CG MSE A 98 5.69 4.31 -16.44
SE MSE A 98 7.00 3.66 -15.17
CE MSE A 98 7.19 5.21 -14.12
N MSE A 99 6.14 6.77 -20.59
CA MSE A 99 6.31 8.01 -21.38
C MSE A 99 4.95 8.57 -21.78
O MSE A 99 4.81 9.79 -22.10
CB MSE A 99 7.17 7.75 -22.65
CG MSE A 99 6.45 6.96 -23.69
SE MSE A 99 7.31 7.06 -25.41
CE MSE A 99 6.36 8.59 -26.16
N PHE A 100 3.92 7.69 -21.74
CA PHE A 100 2.57 8.08 -22.11
C PHE A 100 1.75 8.73 -21.00
N VAL A 101 2.24 8.65 -19.76
CA VAL A 101 1.43 9.16 -18.69
C VAL A 101 1.51 10.68 -18.69
N ARG A 102 0.36 11.34 -18.76
CA ARG A 102 0.32 12.82 -18.83
C ARG A 102 0.30 13.41 -17.40
N LYS A 103 0.72 14.66 -17.32
CA LYS A 103 0.85 15.39 -16.13
C LYS A 103 -0.51 16.02 -15.73
N ALA A 104 -0.94 15.79 -14.52
CA ALA A 104 -2.16 16.38 -14.06
C ALA A 104 -2.11 17.91 -14.23
N ARG A 105 -3.24 18.53 -14.62
CA ARG A 105 -3.37 20.00 -14.79
C ARG A 105 -3.81 20.71 -13.51
N ASN A 106 -4.21 19.97 -12.46
CA ASN A 106 -4.63 20.54 -11.19
C ASN A 106 -4.54 19.40 -10.16
N ARG A 107 -4.64 19.73 -8.86
CA ARG A 107 -4.54 18.76 -7.75
C ARG A 107 -5.74 17.79 -7.62
N GLU A 108 -6.93 18.20 -8.09
CA GLU A 108 -8.10 17.28 -8.17
C GLU A 108 -7.96 16.07 -9.07
N GLU A 109 -7.49 16.32 -10.29
CA GLU A 109 -7.32 15.37 -11.38
C GLU A 109 -6.19 14.36 -11.06
N GLN A 110 -5.23 14.76 -10.24
CA GLN A 110 -3.98 14.02 -10.03
C GLN A 110 -4.19 12.71 -9.23
N ASN A 111 -3.63 11.59 -9.70
CA ASN A 111 -3.82 10.31 -8.95
C ASN A 111 -2.52 9.45 -8.85
N LEU A 112 -1.42 9.96 -9.40
CA LEU A 112 -0.09 9.35 -9.28
C LEU A 112 0.89 10.38 -8.85
N VAL A 113 1.78 10.00 -7.94
CA VAL A 113 2.89 10.83 -7.49
C VAL A 113 4.17 10.24 -8.14
N ALA A 114 5.00 11.10 -8.73
CA ALA A 114 6.20 10.68 -9.44
C ALA A 114 7.41 11.12 -8.58
N TYR A 115 8.32 10.19 -8.29
CA TYR A 115 9.41 10.47 -7.40
C TYR A 115 10.64 9.60 -7.83
N PRO A 116 11.87 10.11 -7.62
CA PRO A 116 13.12 9.35 -7.75
C PRO A 116 13.34 8.38 -6.56
N HIS A 117 13.76 7.14 -6.84
CA HIS A 117 14.26 6.25 -5.78
C HIS A 117 15.40 5.41 -6.32
N ASP A 118 16.57 5.52 -5.71
CA ASP A 118 17.74 4.79 -6.18
C ASP A 118 18.06 5.23 -7.62
N GLY A 119 17.97 6.54 -7.88
CA GLY A 119 18.22 7.19 -9.19
C GLY A 119 17.33 6.80 -10.36
N LYS A 120 16.11 6.38 -10.05
CA LYS A 120 15.14 5.99 -11.06
C LYS A 120 13.80 6.58 -10.69
N ILE A 121 12.92 6.73 -11.68
CA ILE A 121 11.65 7.42 -11.45
C ILE A 121 10.55 6.33 -11.33
N PHE A 122 9.71 6.50 -10.33
CA PHE A 122 8.60 5.56 -10.09
C PHE A 122 7.31 6.39 -9.94
N PHE A 123 6.18 5.78 -10.25
CA PHE A 123 4.88 6.45 -10.16
C PHE A 123 4.09 5.63 -9.17
N CYS A 124 3.44 6.24 -8.20
CA CYS A 124 2.69 5.46 -7.23
C CYS A 124 1.27 6.04 -7.11
N THR A 125 0.24 5.18 -7.05
CA THR A 125 -1.13 5.68 -6.91
C THR A 125 -1.38 6.35 -5.56
N SER A 126 -1.94 7.56 -5.60
CA SER A 126 -2.36 8.32 -4.41
C SER A 126 -3.68 7.89 -3.77
N GLN A 127 -4.46 7.10 -4.52
CA GLN A 127 -5.83 6.68 -4.12
C GLN A 127 -6.16 5.54 -5.05
N ASP A 128 -7.22 4.79 -4.76
CA ASP A 128 -7.84 3.80 -5.64
C ASP A 128 -8.29 4.55 -6.94
N ILE A 129 -7.98 4.00 -8.10
CA ILE A 129 -8.34 4.66 -9.32
C ILE A 129 -9.30 3.65 -9.95
N PRO A 130 -10.59 4.01 -10.08
CA PRO A 130 -11.58 3.12 -10.69
C PRO A 130 -11.24 2.83 -12.14
N PRO A 131 -11.97 1.89 -12.77
CA PRO A 131 -11.78 1.62 -14.21
C PRO A 131 -12.15 2.85 -15.03
N GLU A 132 -11.49 2.99 -16.18
CA GLU A 132 -11.79 4.09 -17.13
C GLU A 132 -11.43 5.48 -16.71
N ASN A 133 -10.40 5.54 -15.88
CA ASN A 133 -9.80 6.79 -15.47
C ASN A 133 -8.40 6.94 -16.07
N GLU A 134 -8.04 8.19 -16.35
CA GLU A 134 -6.75 8.47 -16.93
C GLU A 134 -5.76 8.57 -15.79
N LEU A 135 -4.59 8.02 -16.00
CA LEU A 135 -3.53 8.17 -15.02
C LEU A 135 -2.89 9.56 -15.21
N LEU A 136 -2.81 10.36 -14.14
CA LEU A 136 -2.29 11.74 -14.24
C LEU A 136 -1.38 12.07 -13.08
N PHE A 137 -0.12 12.39 -13.39
CA PHE A 137 0.93 12.48 -12.42
C PHE A 137 1.21 13.92 -11.95
N TYR A 138 1.67 13.98 -10.72
CA TYR A 138 2.45 15.11 -10.22
C TYR A 138 3.66 14.66 -9.42
N TYR A 139 4.64 15.56 -9.35
CA TYR A 139 5.90 15.31 -8.68
C TYR A 139 5.65 15.24 -7.22
N SER A 140 6.38 14.38 -6.50
CA SER A 140 6.37 14.55 -5.03
C SER A 140 6.93 15.91 -4.63
N ARG A 141 6.75 16.22 -3.34
CA ARG A 141 7.24 17.46 -2.77
C ARG A 141 8.75 17.67 -2.91
N HIS B 2 -6.41 -46.95 46.61
CA HIS B 2 -5.17 -47.19 47.48
C HIS B 2 -4.70 -45.87 48.20
N GLY B 3 -3.65 -45.12 47.57
CA GLY B 3 -3.03 -44.05 48.46
C GLY B 3 -3.24 -42.62 47.98
N PRO B 4 -2.50 -41.65 48.56
CA PRO B 4 -2.73 -40.28 48.11
C PRO B 4 -2.09 -40.01 46.75
N VAL B 5 -2.84 -39.32 45.89
CA VAL B 5 -2.44 -38.99 44.51
C VAL B 5 -2.34 -37.50 44.34
N THR B 6 -1.39 -37.03 43.53
CA THR B 6 -1.39 -35.61 43.13
C THR B 6 -1.75 -35.53 41.64
N PHE B 7 -2.79 -34.76 41.31
CA PHE B 7 -3.22 -34.54 39.93
C PHE B 7 -2.49 -33.35 39.30
N VAL B 8 -1.91 -33.62 38.12
CA VAL B 8 -1.26 -32.65 37.24
C VAL B 8 -2.17 -32.36 36.03
N PRO B 9 -2.82 -31.18 36.02
CA PRO B 9 -3.76 -30.81 34.99
C PRO B 9 -2.98 -30.45 33.71
N ASP B 10 -3.66 -30.53 32.57
CA ASP B 10 -3.14 -29.93 31.35
C ASP B 10 -2.82 -28.46 31.58
N THR B 11 -1.76 -27.99 30.92
CA THR B 11 -1.48 -26.55 30.81
C THR B 11 -2.70 -25.81 30.25
N PRO B 12 -3.23 -24.81 31.00
CA PRO B 12 -4.31 -23.96 30.50
C PRO B 12 -3.93 -23.35 29.15
N ILE B 13 -4.73 -23.62 28.12
CA ILE B 13 -4.48 -23.01 26.80
C ILE B 13 -4.98 -21.51 26.74
N GLU B 14 -4.04 -20.62 26.40
CA GLU B 14 -4.28 -19.19 26.24
C GLU B 14 -5.14 -18.93 25.02
N SER B 15 -5.89 -17.82 25.01
CA SER B 15 -6.69 -17.45 23.84
C SER B 15 -5.82 -17.35 22.58
N ARG B 16 -6.43 -17.59 21.45
CA ARG B 16 -5.73 -17.44 20.18
C ARG B 16 -5.07 -16.04 20.01
N ALA B 17 -5.76 -15.00 20.45
CA ALA B 17 -5.33 -13.60 20.32
C ALA B 17 -4.04 -13.38 21.12
N ARG B 18 -4.00 -13.94 22.33
CA ARG B 18 -2.79 -13.86 23.15
C ARG B 18 -1.65 -14.74 22.65
N LEU B 19 -1.93 -15.99 22.30
CA LEU B 19 -0.93 -16.89 21.63
C LEU B 19 -0.23 -16.26 20.41
N SER B 20 -1.00 -15.52 19.62
CA SER B 20 -0.46 -14.98 18.33
C SER B 20 0.50 -13.81 18.49
N LEU B 21 0.60 -13.26 19.69
CA LEU B 21 1.44 -12.06 19.94
C LEU B 21 2.86 -12.26 19.49
N PRO B 22 3.44 -11.38 18.63
CA PRO B 22 4.90 -11.38 18.39
C PRO B 22 5.71 -11.27 19.72
N LYS B 23 6.83 -11.99 19.76
CA LYS B 23 7.71 -12.03 20.94
C LYS B 23 8.24 -10.68 21.38
N GLN B 24 8.41 -9.78 20.41
CA GLN B 24 8.94 -8.45 20.69
C GLN B 24 7.96 -7.45 21.39
N LEU B 25 6.78 -7.94 21.77
CA LEU B 25 5.64 -7.13 22.22
C LEU B 25 5.06 -7.76 23.46
N VAL B 26 4.50 -6.93 24.35
CA VAL B 26 3.89 -7.40 25.61
C VAL B 26 2.48 -6.84 25.79
N LEU B 27 1.60 -7.61 26.42
CA LEU B 27 0.28 -7.11 26.82
C LEU B 27 0.39 -6.55 28.22
N ARG B 28 -0.07 -5.31 28.38
CA ARG B 28 -0.30 -4.69 29.67
C ARG B 28 -1.18 -3.47 29.48
N GLN B 29 -1.87 -3.07 30.55
CA GLN B 29 -2.96 -2.10 30.51
C GLN B 29 -2.67 -0.85 29.67
N SER B 30 -3.65 -0.45 28.87
CA SER B 30 -3.50 0.76 28.04
C SER B 30 -3.89 2.02 28.79
N ILE B 31 -3.33 3.11 28.29
CA ILE B 31 -3.78 4.48 28.58
C ILE B 31 -5.12 4.75 27.89
N ALA B 34 -7.25 2.25 30.47
CA ALA B 34 -8.58 1.60 30.68
C ALA B 34 -8.51 0.07 30.45
N GLU B 35 -8.09 -0.32 29.26
CA GLU B 35 -8.18 -1.70 28.79
C GLU B 35 -6.76 -2.29 28.69
N VAL B 36 -6.63 -3.59 28.38
CA VAL B 36 -5.28 -4.11 28.04
C VAL B 36 -4.85 -3.58 26.61
N GLY B 37 -3.66 -2.99 26.51
CA GLY B 37 -3.03 -2.57 25.24
C GLY B 37 -1.78 -3.36 24.86
N VAL B 38 -1.13 -3.02 23.73
CA VAL B 38 0.09 -3.72 23.29
C VAL B 38 1.27 -2.77 23.43
N TRP B 39 2.33 -3.26 24.07
CA TRP B 39 3.54 -2.48 24.29
C TRP B 39 4.74 -3.16 23.69
N THR B 40 5.74 -2.37 23.31
CA THR B 40 7.03 -2.88 22.84
C THR B 40 7.98 -3.34 23.96
N GLY B 41 8.67 -4.45 23.71
CA GLY B 41 9.71 -4.96 24.59
C GLY B 41 11.10 -4.75 24.01
N GLU B 42 11.19 -4.34 22.74
CA GLU B 42 12.42 -3.81 22.17
C GLU B 42 12.03 -2.69 21.22
N THR B 43 13.05 -2.00 20.67
CA THR B 43 12.87 -1.01 19.61
C THR B 43 12.27 -1.66 18.36
N ILE B 44 11.26 -1.01 17.79
CA ILE B 44 10.66 -1.43 16.51
C ILE B 44 10.97 -0.34 15.49
N PRO B 45 11.75 -0.66 14.43
CA PRO B 45 12.13 0.36 13.44
C PRO B 45 10.92 0.98 12.74
N VAL B 46 11.18 2.09 12.06
CA VAL B 46 10.13 2.80 11.38
C VAL B 46 9.36 1.98 10.32
N ARG B 47 9.98 1.23 9.46
CA ARG B 47 9.00 0.83 8.43
C ARG B 47 8.50 -0.60 8.62
N THR B 48 8.08 -0.93 9.84
CA THR B 48 7.72 -2.31 10.10
C THR B 48 6.20 -2.55 10.16
N CYS B 49 5.73 -3.58 9.44
CA CYS B 49 4.31 -3.86 9.32
C CYS B 49 3.95 -5.13 10.06
N PHE B 50 2.83 -5.06 10.76
CA PHE B 50 2.30 -6.16 11.58
C PHE B 50 1.02 -6.56 10.86
N GLY B 51 0.68 -7.84 10.83
CA GLY B 51 -0.56 -8.27 10.15
C GLY B 51 -0.37 -9.47 9.25
N PRO B 52 -1.43 -9.85 8.53
CA PRO B 52 -2.78 -9.21 8.46
C PRO B 52 -3.59 -9.31 9.79
N LEU B 53 -4.47 -8.34 10.03
CA LEU B 53 -5.44 -8.45 11.12
C LEU B 53 -6.31 -9.70 10.98
N ILE B 54 -6.56 -10.41 12.10
CA ILE B 54 -7.43 -11.61 12.10
C ILE B 54 -8.58 -11.31 13.04
N GLY B 55 -9.80 -11.42 12.56
CA GLY B 55 -10.91 -11.30 13.48
C GLY B 55 -12.08 -12.07 12.96
N GLN B 56 -13.24 -11.75 13.50
CA GLN B 56 -14.47 -12.43 13.16
C GLN B 56 -15.08 -11.82 11.89
N GLN B 57 -15.13 -12.56 10.78
CA GLN B 57 -15.60 -11.98 9.53
C GLN B 57 -17.07 -12.16 9.41
N SER B 58 -17.74 -11.16 8.86
CA SER B 58 -19.16 -11.27 8.61
C SER B 58 -19.46 -10.48 7.34
N HIS B 59 -20.01 -11.17 6.35
CA HIS B 59 -20.41 -10.54 5.10
C HIS B 59 -21.65 -9.67 5.26
N SER B 60 -22.58 -10.06 6.13
CA SER B 60 -23.82 -9.25 6.33
C SER B 60 -24.00 -8.52 7.68
N MSE B 61 -24.58 -7.31 7.61
CA MSE B 61 -24.62 -6.35 8.72
C MSE B 61 -26.04 -5.86 9.05
O MSE B 61 -26.25 -4.68 9.31
CB MSE B 61 -23.71 -5.14 8.43
N HIS B 73 -14.75 -1.39 17.41
CA HIS B 73 -13.79 -2.54 17.11
C HIS B 73 -14.20 -3.28 15.86
N ILE B 74 -14.33 -2.51 14.79
CA ILE B 74 -14.96 -2.93 13.54
C ILE B 74 -14.14 -2.39 12.39
N TRP B 75 -13.74 -3.30 11.48
CA TRP B 75 -12.96 -3.04 10.29
C TRP B 75 -13.78 -3.48 9.08
N LYS B 76 -13.69 -2.70 8.00
CA LYS B 76 -14.46 -2.90 6.80
C LYS B 76 -13.50 -3.13 5.68
N ILE B 77 -13.68 -4.21 4.96
CA ILE B 77 -12.79 -4.61 3.84
C ILE B 77 -13.51 -4.33 2.52
N TYR B 78 -12.94 -3.46 1.70
CA TYR B 78 -13.51 -3.12 0.39
C TYR B 78 -12.75 -3.77 -0.75
N HIS B 79 -13.44 -3.98 -1.86
CA HIS B 79 -12.79 -4.35 -3.07
C HIS B 79 -13.55 -3.67 -4.17
N ASN B 80 -12.81 -2.90 -4.97
CA ASN B 80 -13.35 -2.04 -6.07
C ASN B 80 -14.54 -1.19 -5.61
N GLY B 81 -14.37 -0.63 -4.41
CA GLY B 81 -15.36 0.23 -3.73
C GLY B 81 -16.53 -0.49 -3.05
N VAL B 82 -16.52 -1.84 -3.07
CA VAL B 82 -17.70 -2.59 -2.63
C VAL B 82 -17.27 -3.28 -1.37
N LEU B 83 -18.10 -3.14 -0.32
CA LEU B 83 -17.83 -3.73 0.96
C LEU B 83 -17.95 -5.21 0.81
N GLU B 84 -16.86 -5.92 1.11
CA GLU B 84 -16.88 -7.38 1.06
C GLU B 84 -17.38 -7.96 2.33
N PHE B 85 -16.76 -7.56 3.42
CA PHE B 85 -17.13 -8.00 4.74
C PHE B 85 -16.52 -7.04 5.74
N CYS B 86 -16.95 -7.22 6.98
CA CYS B 86 -16.43 -6.53 8.14
C CYS B 86 -15.69 -7.55 8.98
N ILE B 87 -14.80 -7.05 9.86
CA ILE B 87 -14.00 -7.85 10.78
C ILE B 87 -14.28 -7.22 12.15
N ILE B 88 -14.82 -8.05 13.05
CA ILE B 88 -15.14 -7.67 14.42
C ILE B 88 -13.97 -8.11 15.30
N THR B 89 -13.45 -7.26 16.18
CA THR B 89 -12.24 -7.59 16.93
C THR B 89 -12.43 -7.51 18.44
N THR B 90 -13.40 -8.28 18.93
CA THR B 90 -13.78 -8.28 20.33
C THR B 90 -13.61 -9.63 21.07
N ASP B 91 -13.53 -10.72 20.31
CA ASP B 91 -13.58 -12.09 20.86
C ASP B 91 -12.17 -12.66 20.71
N GLU B 92 -11.42 -12.71 21.80
CA GLU B 92 -10.06 -13.26 21.82
C GLU B 92 -9.91 -14.62 21.15
N ASN B 93 -10.98 -15.41 21.09
CA ASN B 93 -10.82 -16.70 20.38
C ASN B 93 -11.04 -16.68 18.86
N GLU B 94 -11.44 -15.52 18.36
CA GLU B 94 -11.61 -15.36 16.94
C GLU B 94 -10.58 -14.41 16.34
N CYS B 95 -9.67 -13.85 17.14
CA CYS B 95 -8.83 -12.76 16.65
C CYS B 95 -7.37 -13.02 16.79
N ASN B 96 -6.52 -12.26 16.11
CA ASN B 96 -5.09 -12.24 16.52
C ASN B 96 -4.86 -11.09 17.58
N TRP B 97 -3.64 -10.95 18.12
CA TRP B 97 -3.24 -9.91 19.13
C TRP B 97 -3.50 -8.45 18.74
N MSE B 98 -3.73 -8.19 17.45
CA MSE B 98 -3.97 -6.81 17.00
C MSE B 98 -5.31 -6.26 17.50
O MSE B 98 -5.51 -5.05 17.54
CB MSE B 98 -3.85 -6.68 15.47
CG MSE B 98 -2.39 -6.73 14.98
SE MSE B 98 -2.13 -7.12 13.10
CE MSE B 98 -2.90 -5.58 12.17
N MSE B 99 -6.19 -7.13 17.99
CA MSE B 99 -7.46 -6.67 18.53
C MSE B 99 -7.21 -5.83 19.78
O MSE B 99 -8.08 -5.08 20.22
CB MSE B 99 -8.37 -7.86 18.86
CG MSE B 99 -7.80 -8.74 20.02
SE MSE B 99 -9.20 -9.83 20.75
CE MSE B 99 -9.81 -8.57 22.07
N PHE B 100 -6.00 -5.96 20.33
CA PHE B 100 -5.59 -5.36 21.60
C PHE B 100 -4.91 -4.01 21.41
N VAL B 101 -4.48 -3.66 20.19
CA VAL B 101 -3.91 -2.33 19.96
C VAL B 101 -4.97 -1.23 19.97
N ARG B 102 -4.75 -0.27 20.82
CA ARG B 102 -5.70 0.79 21.03
C ARG B 102 -5.43 1.99 20.10
N LYS B 103 -6.43 2.84 19.99
CA LYS B 103 -6.40 3.91 19.05
C LYS B 103 -5.78 5.14 19.67
N ALA B 104 -4.82 5.73 18.97
CA ALA B 104 -4.25 7.00 19.37
C ALA B 104 -5.35 8.06 19.51
N ARG B 105 -5.20 8.97 20.47
CA ARG B 105 -6.15 10.08 20.69
C ARG B 105 -5.61 11.34 20.06
N ASN B 106 -4.45 11.20 19.42
CA ASN B 106 -3.73 12.32 18.85
C ASN B 106 -2.39 11.82 18.29
N ARG B 107 -1.68 12.63 17.52
CA ARG B 107 -1.37 12.37 16.14
C ARG B 107 0.11 12.40 16.62
N GLU B 108 0.29 12.98 17.82
CA GLU B 108 1.56 12.93 18.53
C GLU B 108 1.87 11.58 19.17
N GLU B 109 0.86 10.98 19.83
CA GLU B 109 0.86 9.65 20.48
C GLU B 109 0.98 8.53 19.48
N GLN B 110 0.31 8.73 18.35
CA GLN B 110 0.18 7.75 17.28
C GLN B 110 1.54 7.27 16.83
N ASN B 111 1.76 5.96 16.82
CA ASN B 111 2.98 5.41 16.20
C ASN B 111 2.76 4.31 15.14
N LEU B 112 1.51 3.98 14.89
CA LEU B 112 1.14 3.04 13.85
C LEU B 112 0.10 3.69 12.96
N VAL B 113 0.18 3.38 11.67
CA VAL B 113 -0.88 3.74 10.78
C VAL B 113 -1.56 2.45 10.29
N ALA B 114 -2.88 2.42 10.28
CA ALA B 114 -3.60 1.19 9.82
C ALA B 114 -3.95 1.28 8.35
N TYR B 115 -3.38 0.37 7.54
CA TYR B 115 -3.47 0.42 6.06
C TYR B 115 -4.21 -0.78 5.51
N PRO B 116 -5.24 -0.56 4.68
CA PRO B 116 -5.80 -1.63 3.87
C PRO B 116 -4.79 -2.05 2.80
N HIS B 117 -4.73 -3.34 2.55
CA HIS B 117 -3.78 -3.78 1.57
C HIS B 117 -4.11 -5.20 1.19
N ASP B 118 -4.38 -5.45 -0.09
CA ASP B 118 -4.54 -6.82 -0.63
C ASP B 118 -5.73 -7.49 0.08
N GLY B 119 -6.75 -6.70 0.43
CA GLY B 119 -7.94 -7.14 1.13
C GLY B 119 -7.78 -7.45 2.61
N LYS B 120 -6.79 -6.83 3.28
CA LYS B 120 -6.36 -7.13 4.63
C LYS B 120 -6.05 -5.83 5.31
N ILE B 121 -5.88 -5.84 6.63
CA ILE B 121 -5.47 -4.66 7.37
C ILE B 121 -4.11 -4.95 7.97
N PHE B 122 -3.19 -3.99 7.77
CA PHE B 122 -1.86 -4.04 8.41
C PHE B 122 -1.66 -2.76 9.22
N PHE B 123 -0.87 -2.87 10.27
CA PHE B 123 -0.48 -1.77 11.16
C PHE B 123 0.98 -1.55 10.89
N CYS B 124 1.39 -0.37 10.42
CA CYS B 124 2.80 -0.16 10.07
C CYS B 124 3.36 0.98 10.88
N THR B 125 4.57 0.85 11.39
CA THR B 125 5.12 1.89 12.32
C THR B 125 5.49 3.12 11.51
N SER B 126 5.10 4.30 12.02
CA SER B 126 5.32 5.58 11.35
C SER B 126 6.57 6.28 11.91
N GLN B 127 7.36 5.56 12.70
CA GLN B 127 8.55 6.10 13.36
C GLN B 127 9.20 4.93 14.08
N ASP B 128 10.50 5.02 14.38
CA ASP B 128 11.14 4.08 15.32
C ASP B 128 10.45 4.16 16.70
N ILE B 129 10.07 3.01 17.25
CA ILE B 129 9.42 2.97 18.53
C ILE B 129 10.34 2.32 19.59
N PRO B 130 10.77 3.10 20.60
CA PRO B 130 11.63 2.49 21.64
C PRO B 130 10.91 1.46 22.58
N PRO B 131 11.68 0.67 23.37
CA PRO B 131 11.09 -0.24 24.35
C PRO B 131 10.05 0.46 25.25
N GLU B 132 9.08 -0.29 25.77
CA GLU B 132 8.16 0.19 26.81
C GLU B 132 7.33 1.36 26.36
N ASN B 133 6.94 1.30 25.08
CA ASN B 133 6.03 2.27 24.51
C ASN B 133 4.76 1.56 24.08
N GLU B 134 3.62 2.22 24.30
CA GLU B 134 2.38 1.65 23.83
C GLU B 134 2.22 1.75 22.29
N LEU B 135 1.68 0.71 21.64
CA LEU B 135 1.41 0.83 20.19
C LEU B 135 0.05 1.47 20.06
N LEU B 136 -0.04 2.54 19.27
CA LEU B 136 -1.29 3.28 19.12
C LEU B 136 -1.51 3.69 17.67
N PHE B 137 -2.65 3.25 17.13
CA PHE B 137 -2.94 3.37 15.72
C PHE B 137 -3.89 4.53 15.42
N TYR B 138 -3.80 5.00 14.19
CA TYR B 138 -4.96 5.61 13.54
C TYR B 138 -4.96 5.18 12.07
N TYR B 139 -6.09 5.34 11.41
CA TYR B 139 -6.29 4.96 10.03
C TYR B 139 -5.42 5.78 9.08
N SER B 140 -4.96 5.09 8.03
CA SER B 140 -4.46 5.75 6.86
C SER B 140 -5.53 6.72 6.34
N ARG B 141 -5.06 7.75 5.61
CA ARG B 141 -5.96 8.76 5.00
C ARG B 141 -6.99 8.14 4.04
N ASP B 142 -6.55 7.22 3.18
CA ASP B 142 -7.44 6.57 2.22
C ASP B 142 -8.54 5.75 2.92
N TYR B 143 -8.17 5.04 3.95
CA TYR B 143 -9.08 4.20 4.68
C TYR B 143 -10.04 5.09 5.50
N ALA B 144 -9.53 6.15 6.15
CA ALA B 144 -10.40 7.10 6.88
C ALA B 144 -11.45 7.75 5.95
N GLN B 145 -11.09 8.04 4.73
CA GLN B 145 -12.11 8.53 3.86
C GLN B 145 -13.10 7.47 3.34
N GLN B 146 -12.65 6.24 3.11
CA GLN B 146 -13.56 5.16 2.73
C GLN B 146 -14.63 4.85 3.76
N ILE B 147 -14.24 4.94 5.03
CA ILE B 147 -15.13 4.63 6.16
C ILE B 147 -15.82 5.85 6.78
N GLY B 148 -15.25 7.05 6.68
CA GLY B 148 -15.80 8.27 7.35
C GLY B 148 -14.77 9.15 8.10
#